data_1YF3
#
_entry.id   1YF3
#
_cell.length_a   38.900
_cell.length_b   125.800
_cell.length_c   73.200
_cell.angle_alpha   90.00
_cell.angle_beta   104.70
_cell.angle_gamma   90.00
#
_symmetry.space_group_name_H-M   'P 1 21 1'
#
loop_
_entity.id
_entity.type
_entity.pdbx_description
1 polymer "5'-D(*AP*CP*CP*AP*TP*GP*AP*TP*CP*TP*GP*AP*C)-3'"
2 polymer "5'-D(*TP*GP*TP*CP*AP*GP*AP*TP*CP*AP*TP*GP*G)-3'"
3 polymer 'DNA adenine methylase'
4 non-polymer S-ADENOSYL-L-HOMOCYSTEINE
5 non-polymer GLYCEROL
6 water water
#
loop_
_entity_poly.entity_id
_entity_poly.type
_entity_poly.pdbx_seq_one_letter_code
_entity_poly.pdbx_strand_id
1 'polydeoxyribonucleotide' (DA)(DC)(DC)(DA)(DT)(DG)(DA)(DT)(DC)(DT)(DG)(DA)(DC) C
2 'polydeoxyribonucleotide' (DT)(DG)(DT)(DC)(DA)(DG)(DA)(DT)(DC)(DA)(DT)(DG)(DG) D
3 'polypeptide(L)'
;MLGAIAYTGNKQSLLPELKSHFPKYNRFVDLFCGGLSVSLNVNGPVLANDIQEPIIEMYKRLINVSWDDVLKVIKQYKLS
KTSKEEFLKLREDYNKTRDPLLLYVLHFHGFSNMIRINYKGNFTTPFGKRTINKNSEKRFNHFKQNCDKIIFSSLHFKDV
KILDGDFVYVDPPYLITVADYNKFWSEDEEKDLLNLLDSLNDRGIKFGLSNVLEHHGKENTLLKEWSKKYNVKHLNKKYV
FNIYHSKEKNGTDEVYIFN
;
A,B
#
# COMPACT_ATOMS: atom_id res chain seq x y z
N MET C 1 -8.11 9.43 13.10
N MET C 1 -8.57 10.16 13.53
CA MET C 1 -9.48 9.06 13.53
CA MET C 1 -9.63 9.16 13.61
C MET C 1 -10.38 9.07 12.30
C MET C 1 -10.53 9.16 12.36
N LEU C 2 -11.23 8.06 12.20
CA LEU C 2 -12.06 7.89 11.03
C LEU C 2 -13.18 8.86 10.89
N GLY C 3 -13.44 9.12 9.65
CA GLY C 3 -14.53 9.93 9.25
C GLY C 3 -15.55 8.99 8.64
N ALA C 4 -16.77 9.48 8.50
CA ALA C 4 -17.89 8.77 7.95
C ALA C 4 -17.62 8.29 6.53
N ILE C 5 -16.96 9.11 5.73
CA ILE C 5 -16.67 8.75 4.35
C ILE C 5 -15.34 9.32 3.90
N ALA C 6 -14.73 8.70 2.89
CA ALA C 6 -13.52 9.22 2.33
C ALA C 6 -13.86 10.64 1.95
N TYR C 7 -12.91 11.56 2.01
CA TYR C 7 -13.23 12.95 1.69
C TYR C 7 -11.98 13.79 1.45
N THR C 8 -11.94 14.48 0.31
CA THR C 8 -10.79 15.33 -0.01
C THR C 8 -10.59 16.36 1.10
N GLY C 9 -9.35 16.48 1.58
CA GLY C 9 -9.04 17.44 2.63
C GLY C 9 -9.57 17.11 4.01
N ASN C 10 -9.77 15.84 4.31
CA ASN C 10 -10.27 15.46 5.63
C ASN C 10 -9.22 15.69 6.71
N LYS C 11 -9.67 15.74 7.95
CA LYS C 11 -8.78 15.98 9.08
C LYS C 11 -8.52 14.75 9.96
N GLN C 12 -8.67 13.55 9.40
CA GLN C 12 -8.44 12.33 10.17
C GLN C 12 -7.06 12.33 10.85
N SER C 13 -6.02 12.62 10.08
CA SER C 13 -4.67 12.64 10.63
C SER C 13 -4.45 13.76 11.64
N LEU C 14 -4.98 14.94 11.36
CA LEU C 14 -4.82 16.09 12.23
C LEU C 14 -5.70 16.18 13.46
N LEU C 15 -6.84 15.52 13.42
CA LEU C 15 -7.77 15.56 14.53
C LEU C 15 -7.16 15.48 15.93
N PRO C 16 -6.34 14.46 16.21
CA PRO C 16 -5.73 14.31 17.52
C PRO C 16 -5.04 15.59 17.99
N GLU C 17 -4.26 16.19 17.10
CA GLU C 17 -3.56 17.43 17.43
C GLU C 17 -4.55 18.57 17.66
N LEU C 18 -5.51 18.73 16.76
CA LEU C 18 -6.51 19.79 16.88
C LEU C 18 -7.31 19.70 18.18
N LYS C 19 -7.66 18.49 18.60
CA LYS C 19 -8.43 18.32 19.82
C LYS C 19 -7.71 18.89 21.04
N SER C 20 -6.41 18.60 21.13
CA SER C 20 -5.60 19.07 22.25
C SER C 20 -5.77 20.57 22.50
N HIS C 21 -6.02 21.33 21.44
CA HIS C 21 -6.20 22.77 21.57
C HIS C 21 -7.66 23.20 21.77
N PHE C 22 -8.58 22.25 21.71
CA PHE C 22 -9.99 22.57 21.88
C PHE C 22 -10.36 22.93 23.32
N PRO C 23 -11.22 23.93 23.50
CA PRO C 23 -11.68 24.39 24.82
C PRO C 23 -12.79 23.47 25.31
N LYS C 24 -13.32 23.81 26.48
CA LYS C 24 -14.46 23.05 27.04
C LYS C 24 -15.75 23.64 26.51
N TYR C 25 -16.84 22.91 26.34
CA TYR C 25 -17.97 23.61 25.71
C TYR C 25 -19.29 22.98 26.04
N ASN C 26 -20.36 23.70 25.74
CA ASN C 26 -21.71 23.23 25.98
C ASN C 26 -22.29 22.63 24.70
N ARG C 27 -21.79 23.09 23.56
CA ARG C 27 -22.27 22.61 22.26
C ARG C 27 -21.15 22.82 21.22
N PHE C 28 -20.78 21.74 20.53
CA PHE C 28 -19.72 21.80 19.52
C PHE C 28 -20.35 22.06 18.16
N VAL C 29 -19.80 23.02 17.43
CA VAL C 29 -20.33 23.38 16.12
C VAL C 29 -19.31 23.18 15.00
N ASP C 30 -19.55 22.18 14.16
CA ASP C 30 -18.68 21.88 13.03
C ASP C 30 -19.30 22.54 11.80
N LEU C 31 -19.00 23.83 11.61
CA LEU C 31 -19.54 24.62 10.52
C LEU C 31 -19.40 24.06 9.10
N PHE C 32 -18.34 23.30 8.84
CA PHE C 32 -18.11 22.71 7.52
C PHE C 32 -17.72 21.23 7.71
N CYS C 33 -18.61 20.45 8.29
CA CYS C 33 -18.35 19.00 8.60
C CYS C 33 -17.69 18.19 7.46
N GLY C 34 -18.20 18.21 6.26
CA GLY C 34 -17.50 17.44 5.24
C GLY C 34 -17.70 15.93 5.49
N GLY C 35 -16.62 15.16 5.68
CA GLY C 35 -16.77 13.74 5.90
C GLY C 35 -17.00 13.38 7.35
N LEU C 36 -17.13 14.40 8.19
CA LEU C 36 -17.37 14.23 9.62
C LEU C 36 -16.21 13.70 10.46
N SER C 37 -15.00 13.68 9.92
CA SER C 37 -13.87 13.17 10.70
C SER C 37 -13.70 13.98 11.98
N VAL C 38 -14.25 15.19 12.01
CA VAL C 38 -14.15 16.03 13.19
C VAL C 38 -15.37 15.81 14.11
N SER C 39 -16.56 15.95 13.53
CA SER C 39 -17.81 15.78 14.26
C SER C 39 -17.98 14.45 14.99
N LEU C 40 -17.47 13.38 14.38
CA LEU C 40 -17.61 12.06 14.99
C LEU C 40 -16.65 11.85 16.16
N ASN C 41 -15.59 12.64 16.24
CA ASN C 41 -14.58 12.35 17.29
C ASN C 41 -14.38 13.41 18.40
N VAL C 42 -15.42 14.12 18.77
CA VAL C 42 -15.32 15.08 19.87
C VAL C 42 -16.48 14.83 20.81
N ASN C 43 -16.44 15.44 21.99
CA ASN C 43 -17.49 15.30 22.95
C ASN C 43 -18.72 16.07 22.48
N GLY C 44 -19.91 15.53 22.70
CA GLY C 44 -21.11 16.23 22.26
C GLY C 44 -21.57 17.23 23.29
N PRO C 45 -22.71 17.90 23.05
CA PRO C 45 -23.52 17.74 21.85
C PRO C 45 -22.79 18.33 20.63
N VAL C 46 -23.10 17.81 19.45
CA VAL C 46 -22.46 18.29 18.23
C VAL C 46 -23.44 18.79 17.19
N LEU C 47 -23.03 19.83 16.49
CA LEU C 47 -23.81 20.42 15.42
C LEU C 47 -22.97 20.32 14.16
N ALA C 48 -23.26 19.32 13.34
CA ALA C 48 -22.53 19.12 12.10
C ALA C 48 -23.30 19.79 10.96
N ASN C 49 -22.69 20.80 10.36
CA ASN C 49 -23.32 21.52 9.26
C ASN C 49 -22.44 21.53 8.02
N ASP C 50 -23.09 21.52 6.86
CA ASP C 50 -22.39 21.58 5.59
C ASP C 50 -23.36 22.10 4.55
N ILE C 51 -22.85 22.87 3.59
CA ILE C 51 -23.71 23.44 2.57
C ILE C 51 -24.30 22.38 1.64
N GLN C 52 -23.52 21.38 1.27
CA GLN C 52 -24.00 20.30 0.39
C GLN C 52 -25.08 19.45 1.08
N GLU C 53 -26.34 19.80 0.83
CA GLU C 53 -27.47 19.10 1.43
C GLU C 53 -27.59 17.63 1.07
N PRO C 54 -27.40 17.25 -0.21
CA PRO C 54 -27.53 15.83 -0.52
C PRO C 54 -26.62 14.95 0.35
N ILE C 55 -25.48 15.47 0.77
CA ILE C 55 -24.58 14.69 1.62
C ILE C 55 -25.13 14.63 3.04
N ILE C 56 -25.65 15.76 3.53
CA ILE C 56 -26.23 15.76 4.87
C ILE C 56 -27.44 14.81 4.95
N GLU C 57 -28.24 14.77 3.88
CA GLU C 57 -29.41 13.88 3.86
C GLU C 57 -28.97 12.43 3.92
N MET C 58 -27.79 12.15 3.38
CA MET C 58 -27.25 10.80 3.41
C MET C 58 -26.95 10.44 4.86
N TYR C 59 -26.29 11.34 5.58
CA TYR C 59 -25.96 11.13 7.00
C TYR C 59 -27.23 10.93 7.81
N LYS C 60 -28.22 11.81 7.61
CA LYS C 60 -29.47 11.71 8.33
C LYS C 60 -30.08 10.33 8.10
N ARG C 61 -29.98 9.84 6.87
CA ARG C 61 -30.52 8.53 6.53
C ARG C 61 -29.69 7.37 7.10
N LEU C 62 -28.38 7.54 7.16
CA LEU C 62 -27.50 6.49 7.67
C LEU C 62 -27.84 6.14 9.11
N ILE C 63 -28.28 7.14 9.86
CA ILE C 63 -28.66 6.94 11.25
C ILE C 63 -29.63 5.77 11.43
N ASN C 64 -30.44 5.48 10.41
CA ASN C 64 -31.42 4.40 10.54
C ASN C 64 -31.30 3.22 9.57
N VAL C 65 -30.08 2.91 9.14
CA VAL C 65 -29.89 1.78 8.25
C VAL C 65 -28.76 0.91 8.81
N SER C 66 -28.86 -0.40 8.56
CA SER C 66 -27.86 -1.34 9.02
C SER C 66 -26.92 -1.62 7.86
N TRP C 67 -25.84 -2.35 8.14
CA TRP C 67 -24.90 -2.70 7.08
C TRP C 67 -25.62 -3.63 6.10
N ASP C 68 -26.52 -4.46 6.62
CA ASP C 68 -27.28 -5.39 5.78
C ASP C 68 -28.10 -4.64 4.75
N ASP C 69 -28.73 -3.55 5.17
CA ASP C 69 -29.53 -2.74 4.25
C ASP C 69 -28.62 -2.26 3.13
N VAL C 70 -27.35 -2.01 3.46
CA VAL C 70 -26.38 -1.56 2.47
C VAL C 70 -26.00 -2.71 1.54
N LEU C 71 -25.66 -3.85 2.11
CA LEU C 71 -25.28 -5.00 1.30
C LEU C 71 -26.44 -5.46 0.42
N LYS C 72 -27.66 -5.24 0.91
CA LYS C 72 -28.87 -5.62 0.18
C LYS C 72 -28.96 -4.80 -1.11
N VAL C 73 -28.60 -3.53 -1.03
CA VAL C 73 -28.63 -2.66 -2.20
C VAL C 73 -27.53 -3.05 -3.18
N ILE C 74 -26.35 -3.39 -2.66
CA ILE C 74 -25.25 -3.78 -3.52
C ILE C 74 -25.60 -5.07 -4.26
N LYS C 75 -26.27 -5.99 -3.56
CA LYS C 75 -26.66 -7.25 -4.18
C LYS C 75 -27.77 -7.04 -5.18
N GLN C 76 -28.65 -6.08 -4.91
CA GLN C 76 -29.76 -5.79 -5.80
C GLN C 76 -29.30 -5.25 -7.15
N TYR C 77 -28.30 -4.38 -7.15
CA TYR C 77 -27.78 -3.82 -8.40
C TYR C 77 -26.60 -4.63 -8.93
N LYS C 78 -26.29 -5.73 -8.26
CA LYS C 78 -25.18 -6.60 -8.66
C LYS C 78 -23.91 -5.82 -8.95
N LEU C 79 -23.57 -4.91 -8.04
CA LEU C 79 -22.38 -4.08 -8.17
C LEU C 79 -21.10 -4.82 -7.81
N SER C 80 -20.04 -4.53 -8.57
CA SER C 80 -18.74 -5.15 -8.35
C SER C 80 -17.67 -4.20 -8.90
N LYS C 81 -16.41 -4.60 -8.82
CA LYS C 81 -15.31 -3.79 -9.33
C LYS C 81 -15.32 -3.72 -10.86
N THR C 82 -16.08 -4.61 -11.50
CA THR C 82 -16.19 -4.63 -12.96
C THR C 82 -17.61 -4.37 -13.49
N SER C 83 -18.52 -4.01 -12.59
CA SER C 83 -19.91 -3.76 -12.97
C SER C 83 -20.17 -2.31 -13.38
N LYS C 84 -19.54 -1.88 -14.46
CA LYS C 84 -19.71 -0.53 -14.97
C LYS C 84 -21.15 -0.26 -15.36
N GLU C 85 -21.74 -1.21 -16.09
CA GLU C 85 -23.11 -1.11 -16.54
C GLU C 85 -24.08 -0.86 -15.38
N GLU C 86 -23.93 -1.64 -14.31
CA GLU C 86 -24.79 -1.50 -13.15
C GLU C 86 -24.53 -0.19 -12.40
N PHE C 87 -23.27 0.23 -12.37
CA PHE C 87 -22.93 1.47 -11.68
C PHE C 87 -23.68 2.63 -12.32
N LEU C 88 -23.77 2.59 -13.64
CA LEU C 88 -24.46 3.62 -14.40
C LEU C 88 -25.96 3.62 -14.11
N LYS C 89 -26.52 2.42 -13.98
CA LYS C 89 -27.93 2.27 -13.68
C LYS C 89 -28.21 2.87 -12.30
N LEU C 90 -27.40 2.50 -11.32
CA LEU C 90 -27.55 3.01 -9.96
C LEU C 90 -27.44 4.52 -9.94
N ARG C 91 -26.51 5.05 -10.74
CA ARG C 91 -26.32 6.49 -10.80
C ARG C 91 -27.57 7.16 -11.36
N GLU C 92 -28.12 6.59 -12.41
CA GLU C 92 -29.32 7.13 -13.01
C GLU C 92 -30.44 7.13 -11.98
N ASP C 93 -30.61 6.00 -11.29
CA ASP C 93 -31.67 5.91 -10.28
C ASP C 93 -31.55 6.99 -9.22
N TYR C 94 -30.34 7.19 -8.70
CA TYR C 94 -30.18 8.21 -7.67
C TYR C 94 -30.52 9.59 -8.19
N ASN C 95 -30.05 9.91 -9.38
CA ASN C 95 -30.32 11.21 -9.97
C ASN C 95 -31.82 11.47 -10.15
N LYS C 96 -32.61 10.42 -10.33
CA LYS C 96 -34.06 10.57 -10.50
C LYS C 96 -34.81 10.57 -9.17
N THR C 97 -34.59 9.52 -8.38
CA THR C 97 -35.29 9.35 -7.10
C THR C 97 -34.71 10.09 -5.90
N ARG C 98 -33.41 10.32 -5.90
CA ARG C 98 -32.74 11.01 -4.80
C ARG C 98 -32.88 10.27 -3.47
N ASP C 99 -32.84 8.96 -3.55
CA ASP C 99 -32.87 8.11 -2.38
C ASP C 99 -31.49 8.30 -1.71
N PRO C 100 -31.43 8.84 -0.48
CA PRO C 100 -30.16 9.07 0.22
C PRO C 100 -29.28 7.83 0.37
N LEU C 101 -29.90 6.67 0.54
CA LEU C 101 -29.15 5.42 0.70
C LEU C 101 -28.41 5.03 -0.57
N LEU C 102 -29.02 5.30 -1.72
CA LEU C 102 -28.41 4.96 -3.00
C LEU C 102 -27.15 5.79 -3.24
N LEU C 103 -27.09 6.98 -2.65
CA LEU C 103 -25.93 7.83 -2.82
C LEU C 103 -24.75 7.27 -2.02
N TYR C 104 -25.04 6.72 -0.85
CA TYR C 104 -24.01 6.15 0.01
C TYR C 104 -23.40 4.93 -0.67
N VAL C 105 -24.24 4.13 -1.33
CA VAL C 105 -23.76 2.95 -2.02
C VAL C 105 -22.97 3.34 -3.27
N LEU C 106 -23.34 4.48 -3.86
CA LEU C 106 -22.67 4.98 -5.05
C LEU C 106 -21.21 5.35 -4.79
N HIS C 107 -21.01 6.17 -3.78
CA HIS C 107 -19.66 6.64 -3.46
C HIS C 107 -18.65 5.49 -3.32
N PHE C 108 -19.11 4.34 -2.84
CA PHE C 108 -18.24 3.18 -2.68
C PHE C 108 -17.73 2.67 -4.03
N HIS C 109 -18.43 3.02 -5.11
CA HIS C 109 -18.03 2.55 -6.43
C HIS C 109 -17.55 3.64 -7.39
N GLY C 110 -17.64 4.89 -6.97
CA GLY C 110 -17.22 5.97 -7.84
C GLY C 110 -15.71 6.17 -7.87
N PHE C 111 -15.26 7.02 -8.79
CA PHE C 111 -13.85 7.32 -8.94
C PHE C 111 -13.29 7.92 -7.63
N SER C 112 -12.38 7.19 -6.99
CA SER C 112 -11.76 7.63 -5.75
C SER C 112 -12.76 7.79 -4.60
N ASN C 113 -13.89 7.09 -4.67
CA ASN C 113 -14.89 7.19 -3.63
C ASN C 113 -15.28 8.65 -3.44
N MET C 114 -15.23 9.41 -4.55
CA MET C 114 -15.57 10.82 -4.53
C MET C 114 -17.03 11.09 -4.88
N ILE C 115 -17.60 12.09 -4.23
CA ILE C 115 -18.99 12.47 -4.47
C ILE C 115 -19.11 13.81 -5.17
N ARG C 116 -19.27 13.79 -6.48
CA ARG C 116 -19.39 15.02 -7.25
C ARG C 116 -20.82 15.25 -7.75
N ILE C 117 -21.47 16.28 -7.20
CA ILE C 117 -22.84 16.60 -7.57
C ILE C 117 -22.93 17.99 -8.20
N ASN C 118 -23.45 18.06 -9.43
CA ASN C 118 -23.59 19.34 -10.14
C ASN C 118 -24.70 20.20 -9.54
N TYR C 119 -24.96 21.35 -10.16
CA TYR C 119 -25.99 22.24 -9.67
C TYR C 119 -27.38 21.63 -9.78
N LYS C 120 -27.59 20.78 -10.78
CA LYS C 120 -28.89 20.15 -10.95
C LYS C 120 -29.17 19.14 -9.84
N GLY C 121 -28.17 18.88 -9.02
CA GLY C 121 -28.34 17.93 -7.93
C GLY C 121 -28.08 16.51 -8.35
N ASN C 122 -27.40 16.32 -9.49
CA ASN C 122 -27.10 14.97 -9.97
C ASN C 122 -25.64 14.54 -9.77
N PHE C 123 -25.47 13.24 -9.55
CA PHE C 123 -24.17 12.61 -9.34
C PHE C 123 -23.46 12.37 -10.67
N THR C 124 -22.30 13.01 -10.84
CA THR C 124 -21.53 12.92 -12.07
C THR C 124 -20.25 12.09 -12.00
N THR C 125 -19.86 11.67 -10.80
CA THR C 125 -18.65 10.87 -10.65
C THR C 125 -18.72 9.61 -11.50
N PRO C 126 -17.64 9.32 -12.26
CA PRO C 126 -17.55 8.14 -13.14
C PRO C 126 -17.27 6.88 -12.30
N PHE C 127 -17.56 5.71 -12.87
CA PHE C 127 -17.29 4.44 -12.18
C PHE C 127 -15.82 4.41 -11.80
N GLY C 128 -15.47 3.75 -10.71
CA GLY C 128 -14.08 3.72 -10.31
C GLY C 128 -13.43 2.36 -10.16
N LYS C 129 -14.01 1.33 -10.76
CA LYS C 129 -13.48 -0.02 -10.65
C LYS C 129 -13.28 -0.34 -9.17
N ARG C 130 -14.15 0.23 -8.35
CA ARG C 130 -14.12 0.06 -6.90
C ARG C 130 -15.38 -0.60 -6.38
N THR C 131 -15.38 -0.87 -5.08
CA THR C 131 -16.51 -1.47 -4.39
C THR C 131 -16.11 -1.58 -2.93
N ILE C 132 -17.07 -1.92 -2.07
CA ILE C 132 -16.77 -2.04 -0.65
C ILE C 132 -15.63 -3.02 -0.41
N ASN C 133 -14.82 -2.74 0.60
CA ASN C 133 -13.70 -3.59 0.94
C ASN C 133 -13.87 -4.13 2.35
N LYS C 134 -13.01 -5.08 2.73
CA LYS C 134 -13.08 -5.68 4.04
C LYS C 134 -12.89 -4.68 5.18
N ASN C 135 -12.90 -3.40 4.87
CA ASN C 135 -12.73 -2.36 5.88
C ASN C 135 -13.68 -1.19 5.65
N SER C 136 -14.65 -1.37 4.75
CA SER C 136 -15.61 -0.33 4.44
C SER C 136 -16.62 -0.15 5.57
N GLU C 137 -17.04 -1.25 6.17
CA GLU C 137 -18.00 -1.15 7.26
C GLU C 137 -17.34 -0.73 8.57
N LYS C 138 -16.03 -0.50 8.53
CA LYS C 138 -15.32 -0.06 9.73
C LYS C 138 -15.74 1.40 9.95
N ARG C 139 -15.75 2.17 8.87
CA ARG C 139 -16.16 3.58 8.93
C ARG C 139 -17.65 3.61 9.30
N PHE C 140 -18.42 2.75 8.65
CA PHE C 140 -19.86 2.69 8.92
C PHE C 140 -20.11 2.47 10.41
N ASN C 141 -19.42 1.50 11.00
CA ASN C 141 -19.58 1.23 12.42
C ASN C 141 -19.10 2.40 13.27
N HIS C 142 -18.04 3.09 12.83
CA HIS C 142 -17.55 4.23 13.60
C HIS C 142 -18.63 5.30 13.60
N PHE C 143 -19.29 5.48 12.46
CA PHE C 143 -20.36 6.46 12.31
C PHE C 143 -21.54 6.11 13.21
N LYS C 144 -21.95 4.85 13.18
CA LYS C 144 -23.09 4.38 13.99
C LYS C 144 -22.77 4.48 15.48
N GLN C 145 -21.51 4.25 15.83
CA GLN C 145 -21.10 4.32 17.23
C GLN C 145 -21.01 5.74 17.76
N ASN C 146 -21.11 6.74 16.88
CA ASN C 146 -20.95 8.14 17.35
C ASN C 146 -21.96 9.17 16.81
N CYS C 147 -22.94 8.71 16.02
CA CYS C 147 -23.92 9.65 15.41
C CYS C 147 -25.00 10.12 16.38
N ASP C 148 -25.18 9.38 17.47
CA ASP C 148 -26.20 9.72 18.45
C ASP C 148 -26.06 11.09 19.13
N LYS C 149 -24.85 11.62 19.15
CA LYS C 149 -24.59 12.91 19.77
C LYS C 149 -24.66 14.04 18.77
N ILE C 150 -24.92 13.71 17.51
CA ILE C 150 -24.95 14.72 16.46
C ILE C 150 -26.31 15.14 15.92
N ILE C 151 -26.37 16.39 15.54
CA ILE C 151 -27.55 17.03 14.95
C ILE C 151 -27.08 17.62 13.62
N PHE C 152 -27.58 17.08 12.50
CA PHE C 152 -27.13 17.58 11.20
C PHE C 152 -27.97 18.72 10.65
N SER C 153 -27.38 19.46 9.73
CA SER C 153 -28.03 20.60 9.09
C SER C 153 -27.27 20.89 7.80
N SER C 154 -27.96 21.47 6.83
CA SER C 154 -27.33 21.79 5.55
C SER C 154 -27.57 23.23 5.13
N LEU C 155 -26.98 24.13 5.91
CA LEU C 155 -27.14 25.53 5.61
C LEU C 155 -25.80 26.14 5.26
N HIS C 156 -25.94 27.21 4.52
CA HIS C 156 -24.78 28.00 4.18
C HIS C 156 -24.14 28.43 5.54
N PHE C 157 -22.83 28.52 5.69
CA PHE C 157 -22.28 28.83 7.02
C PHE C 157 -22.83 30.11 7.69
N LYS C 158 -23.13 31.11 6.87
CA LYS C 158 -23.63 32.39 7.38
C LYS C 158 -24.96 32.27 8.12
N ASP C 159 -25.81 31.34 7.68
CA ASP C 159 -27.13 31.14 8.27
C ASP C 159 -27.18 30.28 9.53
N VAL C 160 -26.04 29.80 9.99
CA VAL C 160 -26.01 28.97 11.20
C VAL C 160 -26.03 29.82 12.45
N LYS C 161 -26.86 29.43 13.41
CA LYS C 161 -26.95 30.17 14.65
C LYS C 161 -25.99 29.69 15.72
N ILE C 162 -25.01 30.53 16.02
CA ILE C 162 -24.00 30.22 17.04
C ILE C 162 -24.51 30.76 18.37
N LEU C 163 -24.46 29.95 19.42
CA LEU C 163 -24.93 30.39 20.72
C LEU C 163 -23.87 30.40 21.81
N ASP C 164 -24.16 31.11 22.89
CA ASP C 164 -23.21 31.18 23.99
C ASP C 164 -22.98 29.84 24.66
N GLY C 165 -21.72 29.43 24.71
CA GLY C 165 -21.39 28.15 25.32
C GLY C 165 -20.89 27.20 24.25
N ASP C 166 -20.85 27.73 23.01
CA ASP C 166 -20.42 26.94 21.88
C ASP C 166 -19.00 27.22 21.47
N PHE C 167 -18.44 26.24 20.79
CA PHE C 167 -17.13 26.32 20.24
C PHE C 167 -17.32 26.07 18.74
N VAL C 168 -16.74 26.95 17.89
CA VAL C 168 -16.93 26.84 16.45
C VAL C 168 -15.68 26.41 15.68
N TYR C 169 -15.72 25.21 15.12
CA TYR C 169 -14.60 24.70 14.32
C TYR C 169 -14.90 24.95 12.85
N VAL C 170 -14.02 25.69 12.20
CA VAL C 170 -14.17 26.05 10.80
C VAL C 170 -13.06 25.47 9.93
N ASP C 171 -13.46 24.70 8.91
CA ASP C 171 -12.49 24.10 8.00
C ASP C 171 -13.06 24.26 6.60
N PRO C 172 -13.09 25.49 6.08
CA PRO C 172 -13.60 25.81 4.74
C PRO C 172 -12.70 25.31 3.63
N PRO C 173 -13.17 25.42 2.38
CA PRO C 173 -12.36 24.97 1.24
C PRO C 173 -11.12 25.86 1.19
N TYR C 174 -10.08 25.43 0.49
CA TYR C 174 -8.87 26.25 0.41
C TYR C 174 -8.61 26.67 -1.03
N LEU C 175 -8.58 27.97 -1.26
CA LEU C 175 -8.36 28.53 -2.59
C LEU C 175 -7.06 28.06 -3.24
N ILE C 176 -6.02 27.87 -2.44
CA ILE C 176 -4.71 27.46 -2.94
C ILE C 176 -4.55 25.97 -3.30
N THR C 177 -5.45 25.11 -2.84
CA THR C 177 -5.35 23.69 -3.14
C THR C 177 -6.59 23.17 -3.88
N VAL C 178 -6.39 22.31 -4.88
CA VAL C 178 -7.49 21.77 -5.67
C VAL C 178 -8.43 20.87 -4.88
N ALA C 179 -9.72 21.03 -5.10
CA ALA C 179 -10.73 20.23 -4.42
C ALA C 179 -12.10 20.48 -5.04
N ASP C 180 -12.77 19.40 -5.43
CA ASP C 180 -14.09 19.52 -6.03
C ASP C 180 -14.97 20.60 -5.40
N TYR C 181 -14.99 20.65 -4.07
CA TYR C 181 -15.82 21.61 -3.35
C TYR C 181 -15.34 23.06 -3.39
N ASN C 182 -14.27 23.32 -4.12
CA ASN C 182 -13.77 24.69 -4.23
C ASN C 182 -14.84 25.50 -4.97
N LYS C 183 -15.62 24.80 -5.80
CA LYS C 183 -16.67 25.42 -6.58
C LYS C 183 -17.60 26.30 -5.74
N PHE C 184 -17.71 25.99 -4.45
CA PHE C 184 -18.57 26.78 -3.58
C PHE C 184 -17.80 27.95 -2.98
N TRP C 185 -16.49 28.03 -3.24
CA TRP C 185 -15.69 29.07 -2.65
C TRP C 185 -15.20 30.15 -3.64
N SER C 186 -14.81 31.29 -3.06
CA SER C 186 -14.31 32.49 -3.73
C SER C 186 -13.69 33.39 -2.68
N GLU C 187 -13.01 34.45 -3.12
CA GLU C 187 -12.40 35.37 -2.18
C GLU C 187 -13.46 36.04 -1.31
N ASP C 188 -14.61 36.32 -1.92
CA ASP C 188 -15.72 36.97 -1.23
C ASP C 188 -16.22 36.15 -0.05
N GLU C 189 -16.43 34.85 -0.28
CA GLU C 189 -16.92 33.96 0.76
C GLU C 189 -15.95 33.89 1.94
N GLU C 190 -14.65 34.01 1.65
CA GLU C 190 -13.63 33.96 2.69
C GLU C 190 -13.67 35.19 3.58
N LYS C 191 -13.86 36.36 2.95
CA LYS C 191 -13.93 37.60 3.70
C LYS C 191 -15.07 37.58 4.69
N ASP C 192 -16.18 36.99 4.30
CA ASP C 192 -17.36 36.90 5.17
C ASP C 192 -17.06 35.94 6.31
N LEU C 193 -16.34 34.87 6.00
CA LEU C 193 -15.98 33.87 7.01
C LEU C 193 -15.07 34.53 8.03
N LEU C 194 -14.07 35.26 7.53
CA LEU C 194 -13.12 35.94 8.39
C LEU C 194 -13.84 37.00 9.22
N ASN C 195 -14.76 37.73 8.60
CA ASN C 195 -15.50 38.74 9.32
C ASN C 195 -16.33 38.10 10.41
N LEU C 196 -16.89 36.92 10.09
CA LEU C 196 -17.73 36.17 11.02
C LEU C 196 -17.01 35.74 12.29
N LEU C 197 -15.79 35.24 12.13
CA LEU C 197 -15.00 34.79 13.28
C LEU C 197 -14.71 35.94 14.24
N ASP C 198 -14.24 37.07 13.71
CA ASP C 198 -13.94 38.23 14.55
C ASP C 198 -15.13 38.52 15.47
N SER C 199 -16.33 38.41 14.92
CA SER C 199 -17.55 38.64 15.67
C SER C 199 -17.66 37.72 16.86
N LEU C 200 -17.57 36.41 16.61
CA LEU C 200 -17.65 35.42 17.68
C LEU C 200 -16.62 35.76 18.75
N ASN C 201 -15.47 36.24 18.30
CA ASN C 201 -14.38 36.63 19.20
C ASN C 201 -14.83 37.75 20.13
N ASP C 202 -15.48 38.75 19.56
CA ASP C 202 -15.95 39.87 20.36
C ASP C 202 -17.23 39.54 21.12
N ARG C 203 -17.67 38.30 21.02
CA ARG C 203 -18.89 37.88 21.70
C ARG C 203 -18.59 36.83 22.77
N GLY C 204 -17.31 36.61 23.03
CA GLY C 204 -16.91 35.63 24.04
C GLY C 204 -17.05 34.20 23.55
N ILE C 205 -16.95 34.01 22.24
CA ILE C 205 -17.07 32.69 21.63
C ILE C 205 -15.74 32.19 21.11
N LYS C 206 -15.28 31.06 21.65
CA LYS C 206 -14.01 30.49 21.20
C LYS C 206 -14.23 29.69 19.92
N PHE C 207 -13.32 29.85 18.96
CA PHE C 207 -13.40 29.15 17.69
C PHE C 207 -12.05 28.56 17.30
N GLY C 208 -12.04 27.81 16.21
CA GLY C 208 -10.83 27.21 15.70
C GLY C 208 -10.92 27.14 14.18
N LEU C 209 -9.85 27.51 13.50
CA LEU C 209 -9.84 27.50 12.04
C LEU C 209 -8.67 26.72 11.45
N SER C 210 -8.97 25.86 10.48
CA SER C 210 -7.93 25.08 9.80
C SER C 210 -7.80 25.68 8.40
N ASN C 211 -6.58 25.67 7.86
CA ASN C 211 -6.36 26.23 6.54
C ASN C 211 -4.90 26.10 6.18
N VAL C 212 -4.52 26.66 5.05
CA VAL C 212 -3.12 26.61 4.61
C VAL C 212 -2.70 28.01 4.20
N LEU C 213 -1.58 28.47 4.76
CA LEU C 213 -1.07 29.80 4.45
C LEU C 213 -0.24 29.82 3.18
N GLU C 214 0.39 28.68 2.85
CA GLU C 214 1.22 28.60 1.65
C GLU C 214 1.14 27.21 1.04
N HIS C 215 1.47 27.10 -0.24
CA HIS C 215 1.44 25.82 -0.93
C HIS C 215 2.04 25.90 -2.35
N HIS C 216 2.96 24.99 -2.64
CA HIS C 216 3.55 24.90 -3.99
C HIS C 216 4.22 26.19 -4.52
N GLY C 217 3.92 27.35 -3.94
CA GLY C 217 4.53 28.58 -4.40
C GLY C 217 3.61 29.76 -4.26
N LYS C 218 2.34 29.50 -3.95
CA LYS C 218 1.37 30.56 -3.77
C LYS C 218 1.18 30.84 -2.29
N GLU C 219 0.38 31.85 -1.98
CA GLU C 219 0.15 32.19 -0.58
C GLU C 219 -1.17 32.93 -0.42
N ASN C 220 -1.71 32.86 0.79
CA ASN C 220 -2.97 33.53 1.12
C ASN C 220 -2.62 34.75 1.94
N THR C 221 -2.02 35.73 1.29
CA THR C 221 -1.60 36.97 1.95
C THR C 221 -2.64 37.47 2.95
N LEU C 222 -3.82 37.80 2.46
CA LEU C 222 -4.89 38.30 3.33
C LEU C 222 -5.04 37.52 4.63
N LEU C 223 -5.04 36.20 4.53
CA LEU C 223 -5.19 35.37 5.72
C LEU C 223 -3.93 35.45 6.59
N LYS C 224 -2.77 35.39 5.96
CA LYS C 224 -1.50 35.49 6.70
C LYS C 224 -1.54 36.63 7.70
N GLU C 225 -1.98 37.80 7.24
CA GLU C 225 -2.07 38.98 8.11
C GLU C 225 -3.20 38.85 9.12
N TRP C 226 -4.38 38.46 8.66
CA TRP C 226 -5.53 38.30 9.53
C TRP C 226 -5.22 37.42 10.75
N SER C 227 -4.53 36.31 10.51
CA SER C 227 -4.18 35.37 11.57
C SER C 227 -3.31 35.94 12.69
N LYS C 228 -2.50 36.95 12.38
CA LYS C 228 -1.63 37.55 13.37
C LYS C 228 -2.40 38.11 14.56
N LYS C 229 -3.74 38.05 14.45
CA LYS C 229 -4.65 38.54 15.46
C LYS C 229 -5.01 37.46 16.49
N TYR C 230 -4.47 36.27 16.30
CA TYR C 230 -4.79 35.23 17.22
C TYR C 230 -3.62 34.32 17.46
N ASN C 231 -3.95 33.12 17.96
CA ASN C 231 -2.95 32.08 18.25
C ASN C 231 -2.75 31.14 17.04
N VAL C 232 -1.53 31.02 16.55
CA VAL C 232 -1.29 30.16 15.37
C VAL C 232 -0.33 28.98 15.60
N LYS C 233 -0.69 27.81 15.07
CA LYS C 233 0.16 26.63 15.19
C LYS C 233 0.39 26.01 13.82
N HIS C 234 1.65 25.77 13.50
CA HIS C 234 2.03 25.18 12.22
C HIS C 234 2.06 23.66 12.34
N LEU C 235 1.05 23.03 11.74
CA LEU C 235 0.85 21.59 11.83
C LEU C 235 1.67 20.71 10.87
N ASN C 236 2.06 21.25 9.72
CA ASN C 236 2.83 20.45 8.77
C ASN C 236 4.29 20.30 9.17
N LYS C 237 4.61 19.15 9.76
CA LYS C 237 5.97 18.88 10.20
C LYS C 237 7.07 19.13 9.19
N LYS C 238 6.80 18.89 7.91
CA LYS C 238 7.80 19.10 6.87
C LYS C 238 8.10 20.58 6.64
N TYR C 239 7.05 21.38 6.60
CA TYR C 239 7.21 22.81 6.38
C TYR C 239 7.98 23.43 7.54
N VAL C 240 7.74 22.92 8.75
CA VAL C 240 8.40 23.41 9.96
C VAL C 240 9.89 23.09 9.93
N PHE C 241 10.21 21.85 9.62
CA PHE C 241 11.61 21.43 9.56
C PHE C 241 12.34 22.21 8.48
N ASN C 242 11.82 22.27 7.24
CA ASN C 242 12.57 22.90 6.12
C ASN C 242 12.67 24.46 6.37
N ILE C 243 11.91 25.12 7.29
CA ILE C 243 12.08 26.55 7.55
C ILE C 243 13.55 26.79 7.98
N TYR C 244 14.13 25.77 8.61
CA TYR C 244 15.49 25.84 9.12
C TYR C 244 16.57 25.32 8.15
N HIS C 245 16.16 24.40 7.28
CA HIS C 245 17.02 23.80 6.25
C HIS C 245 16.31 24.03 4.93
N SER C 246 15.87 25.27 4.71
CA SER C 246 15.11 25.63 3.53
C SER C 246 15.86 26.12 2.30
N LYS C 247 15.13 26.18 1.20
CA LYS C 247 15.62 26.65 -0.08
C LYS C 247 14.70 27.76 -0.52
N GLU C 248 13.42 27.55 -0.29
CA GLU C 248 12.41 28.54 -0.64
C GLU C 248 11.11 27.94 -1.23
N LYS C 249 11.10 27.72 -2.56
CA LYS C 249 9.96 27.14 -3.25
C LYS C 249 9.72 25.67 -2.86
N ASN C 250 9.17 25.49 -1.65
CA ASN C 250 8.88 24.15 -1.10
C ASN C 250 7.38 23.81 -1.03
N GLY C 251 6.98 23.07 0.03
CA GLY C 251 5.60 22.58 0.15
C GLY C 251 4.53 23.48 0.79
N THR C 252 3.61 22.82 1.52
CA THR C 252 2.44 23.37 2.21
C THR C 252 2.72 23.77 3.67
N ASP C 253 1.95 24.76 4.13
CA ASP C 253 2.02 25.29 5.51
C ASP C 253 0.64 25.21 6.17
N GLU C 254 0.35 24.08 6.79
CA GLU C 254 -0.93 23.86 7.45
C GLU C 254 -0.94 24.51 8.84
N VAL C 255 -2.03 25.20 9.16
CA VAL C 255 -2.14 25.87 10.45
C VAL C 255 -3.50 25.73 11.13
N TYR C 256 -3.53 26.10 12.41
CA TYR C 256 -4.75 26.07 13.20
C TYR C 256 -4.84 27.39 13.96
N ILE C 257 -5.64 28.31 13.44
CA ILE C 257 -5.82 29.61 14.05
C ILE C 257 -6.98 29.60 15.03
N PHE C 258 -6.68 29.85 16.30
CA PHE C 258 -7.70 29.86 17.33
C PHE C 258 -7.57 31.03 18.31
N ASN C 259 -8.70 31.68 18.59
CA ASN C 259 -8.71 32.81 19.51
C ASN C 259 -8.56 32.31 20.94
N MET D 1 8.29 -16.02 7.15
CA MET D 1 9.61 -16.39 6.65
C MET D 1 10.02 -15.51 5.48
N LEU D 2 11.22 -14.93 5.57
CA LEU D 2 11.78 -14.06 4.51
C LEU D 2 12.99 -14.70 3.85
N GLY D 3 13.25 -14.35 2.61
CA GLY D 3 14.40 -14.89 1.94
C GLY D 3 15.52 -13.90 2.18
N ALA D 4 16.66 -14.08 1.53
CA ALA D 4 17.79 -13.18 1.68
C ALA D 4 17.54 -11.88 0.90
N ILE D 5 16.80 -11.98 -0.19
CA ILE D 5 16.50 -10.81 -1.01
C ILE D 5 15.16 -11.01 -1.67
N ALA D 6 14.49 -9.92 -2.02
CA ALA D 6 13.23 -10.03 -2.74
C ALA D 6 13.57 -10.87 -3.97
N TYR D 7 12.62 -11.64 -4.49
CA TYR D 7 12.88 -12.49 -5.63
C TYR D 7 11.57 -12.94 -6.26
N THR D 8 11.44 -12.75 -7.56
CA THR D 8 10.24 -13.16 -8.26
C THR D 8 10.09 -14.68 -8.14
N GLY D 9 8.88 -15.12 -7.80
CA GLY D 9 8.63 -16.54 -7.64
C GLY D 9 9.11 -17.16 -6.33
N ASN D 10 9.31 -16.35 -5.30
CA ASN D 10 9.76 -16.85 -4.00
C ASN D 10 8.68 -17.70 -3.31
N LYS D 11 9.11 -18.57 -2.41
CA LYS D 11 8.19 -19.44 -1.72
C LYS D 11 7.85 -18.98 -0.30
N GLN D 12 7.98 -17.69 -0.03
CA GLN D 12 7.68 -17.18 1.30
C GLN D 12 6.27 -17.51 1.78
N SER D 13 5.30 -17.48 0.88
CA SER D 13 3.91 -17.77 1.23
C SER D 13 3.60 -19.25 1.34
N LEU D 14 4.18 -20.05 0.45
CA LEU D 14 3.92 -21.49 0.43
C LEU D 14 4.74 -22.36 1.35
N LEU D 15 5.89 -21.87 1.81
CA LEU D 15 6.77 -22.65 2.67
C LEU D 15 6.08 -23.42 3.80
N PRO D 16 5.21 -22.76 4.57
CA PRO D 16 4.52 -23.46 5.66
C PRO D 16 3.81 -24.72 5.17
N GLU D 17 3.03 -24.59 4.10
CA GLU D 17 2.30 -25.72 3.54
C GLU D 17 3.24 -26.77 2.97
N LEU D 18 4.27 -26.30 2.26
CA LEU D 18 5.22 -27.22 1.67
C LEU D 18 5.97 -28.04 2.71
N LYS D 19 6.46 -27.38 3.76
CA LYS D 19 7.21 -28.08 4.79
C LYS D 19 6.43 -29.22 5.46
N SER D 20 5.12 -29.06 5.61
CA SER D 20 4.35 -30.12 6.25
C SER D 20 4.38 -31.41 5.40
N HIS D 21 5.07 -31.36 4.27
CA HIS D 21 5.20 -32.52 3.39
C HIS D 21 6.65 -32.99 3.29
N PHE D 22 7.59 -32.13 3.69
CA PHE D 22 9.01 -32.47 3.64
C PHE D 22 9.35 -33.56 4.65
N PRO D 23 10.17 -34.54 4.25
CA PRO D 23 10.56 -35.61 5.17
C PRO D 23 11.71 -35.12 6.02
N LYS D 24 12.27 -36.03 6.79
CA LYS D 24 13.45 -35.70 7.56
C LYS D 24 14.62 -35.99 6.62
N TYR D 25 15.83 -35.68 7.01
CA TYR D 25 16.89 -35.89 6.06
C TYR D 25 18.27 -35.67 6.65
N ASN D 26 19.28 -36.12 5.92
CA ASN D 26 20.67 -35.98 6.33
C ASN D 26 21.20 -34.67 5.75
N ARG D 27 20.63 -34.27 4.61
CA ARG D 27 21.04 -33.04 3.94
C ARG D 27 19.91 -32.55 3.03
N PHE D 28 19.59 -31.26 3.16
CA PHE D 28 18.55 -30.62 2.36
C PHE D 28 19.21 -30.06 1.12
N VAL D 29 18.74 -30.46 -0.05
CA VAL D 29 19.30 -29.96 -1.30
C VAL D 29 18.32 -29.03 -2.01
N ASP D 30 18.61 -27.73 -1.95
CA ASP D 30 17.82 -26.71 -2.58
C ASP D 30 18.44 -26.46 -3.96
N LEU D 31 18.07 -27.30 -4.95
CA LEU D 31 18.61 -27.28 -6.32
C LEU D 31 18.54 -25.96 -7.08
N PHE D 32 17.50 -25.20 -6.85
CA PHE D 32 17.31 -23.87 -7.50
C PHE D 32 16.97 -22.89 -6.40
N CYS D 33 17.92 -22.66 -5.50
CA CYS D 33 17.71 -21.81 -4.31
C CYS D 33 17.20 -20.39 -4.54
N GLY D 34 17.55 -19.75 -5.65
CA GLY D 34 17.06 -18.40 -5.90
C GLY D 34 17.26 -17.40 -4.77
N GLY D 35 16.16 -16.86 -4.24
CA GLY D 35 16.23 -15.88 -3.16
C GLY D 35 16.42 -16.43 -1.76
N LEU D 36 16.53 -17.75 -1.64
CA LEU D 36 16.73 -18.42 -0.35
C LEU D 36 15.57 -18.41 0.66
N SER D 37 14.35 -18.10 0.23
CA SER D 37 13.25 -18.12 1.19
C SER D 37 13.08 -19.53 1.73
N VAL D 38 13.54 -20.53 0.98
CA VAL D 38 13.43 -21.91 1.44
C VAL D 38 14.67 -22.34 2.22
N SER D 39 15.85 -22.19 1.63
CA SER D 39 17.10 -22.58 2.27
C SER D 39 17.31 -22.04 3.68
N LEU D 40 17.11 -20.74 3.86
CA LEU D 40 17.30 -20.10 5.16
C LEU D 40 16.31 -20.55 6.21
N ASN D 41 15.20 -21.19 5.79
CA ASN D 41 14.16 -21.55 6.75
C ASN D 41 13.87 -23.03 6.96
N VAL D 42 14.79 -23.90 6.55
CA VAL D 42 14.59 -25.34 6.78
C VAL D 42 15.75 -25.84 7.62
N ASN D 43 15.56 -26.95 8.32
CA ASN D 43 16.64 -27.48 9.14
C ASN D 43 17.79 -27.91 8.25
N GLY D 44 19.01 -27.64 8.71
CA GLY D 44 20.18 -28.00 7.94
C GLY D 44 20.71 -29.37 8.31
N PRO D 45 21.86 -29.75 7.77
CA PRO D 45 22.68 -28.96 6.85
C PRO D 45 21.96 -28.77 5.52
N VAL D 46 22.27 -27.69 4.81
CA VAL D 46 21.63 -27.41 3.53
C VAL D 46 22.63 -27.14 2.42
N LEU D 47 22.26 -27.48 1.20
CA LEU D 47 23.10 -27.21 0.04
C LEU D 47 22.25 -26.30 -0.85
N ALA D 48 22.63 -25.03 -0.92
CA ALA D 48 21.89 -24.05 -1.71
C ALA D 48 22.59 -23.86 -3.05
N ASN D 49 21.91 -24.28 -4.11
CA ASN D 49 22.48 -24.16 -5.43
C ASN D 49 21.61 -23.38 -6.40
N ASP D 50 22.27 -22.67 -7.31
CA ASP D 50 21.58 -21.92 -8.33
C ASP D 50 22.57 -21.70 -9.47
N ILE D 51 22.07 -21.63 -10.70
CA ILE D 51 22.95 -21.45 -11.85
C ILE D 51 23.52 -20.03 -11.96
N GLN D 52 22.89 -19.06 -11.33
CA GLN D 52 23.39 -17.69 -11.42
C GLN D 52 24.53 -17.41 -10.45
N GLU D 53 25.75 -17.61 -10.96
CA GLU D 53 26.96 -17.38 -10.17
C GLU D 53 27.04 -16.01 -9.49
N PRO D 54 26.63 -14.93 -10.20
CA PRO D 54 26.70 -13.60 -9.59
C PRO D 54 25.97 -13.53 -8.24
N ILE D 55 24.76 -14.10 -8.21
CA ILE D 55 23.94 -14.09 -7.00
C ILE D 55 24.51 -15.01 -5.92
N ILE D 56 24.93 -16.21 -6.30
CA ILE D 56 25.52 -17.14 -5.32
C ILE D 56 26.77 -16.51 -4.68
N GLU D 57 27.61 -15.87 -5.49
CA GLU D 57 28.82 -15.23 -4.97
C GLU D 57 28.45 -14.06 -4.06
N MET D 58 27.34 -13.41 -4.36
CA MET D 58 26.88 -12.32 -3.51
C MET D 58 26.57 -12.92 -2.13
N TYR D 59 25.88 -14.06 -2.11
CA TYR D 59 25.56 -14.74 -0.85
C TYR D 59 26.85 -15.13 -0.12
N LYS D 60 27.79 -15.74 -0.83
CA LYS D 60 29.07 -16.14 -0.25
C LYS D 60 29.80 -14.94 0.37
N ARG D 61 29.72 -13.79 -0.27
CA ARG D 61 30.36 -12.57 0.22
C ARG D 61 29.57 -12.01 1.40
N LEU D 62 28.25 -12.06 1.30
CA LEU D 62 27.37 -11.55 2.35
C LEU D 62 27.70 -12.13 3.73
N ILE D 63 28.10 -13.39 3.77
CA ILE D 63 28.47 -14.03 5.03
C ILE D 63 29.52 -13.22 5.77
N ASN D 64 30.39 -12.55 5.02
CA ASN D 64 31.46 -11.73 5.58
C ASN D 64 31.23 -10.23 5.46
N VAL D 65 29.97 -9.82 5.56
CA VAL D 65 29.63 -8.41 5.45
C VAL D 65 28.74 -7.98 6.60
N SER D 66 28.95 -6.76 7.08
CA SER D 66 28.14 -6.23 8.17
C SER D 66 27.27 -5.14 7.56
N TRP D 67 26.17 -4.80 8.23
CA TRP D 67 25.28 -3.79 7.71
C TRP D 67 26.01 -2.46 7.55
N ASP D 68 26.92 -2.18 8.47
CA ASP D 68 27.65 -0.93 8.41
C ASP D 68 28.50 -0.87 7.15
N ASP D 69 28.89 -2.04 6.64
CA ASP D 69 29.66 -2.09 5.42
C ASP D 69 28.72 -1.68 4.29
N VAL D 70 27.47 -2.14 4.36
CA VAL D 70 26.51 -1.80 3.33
C VAL D 70 26.27 -0.29 3.35
N LEU D 71 26.20 0.29 4.54
CA LEU D 71 25.98 1.71 4.69
C LEU D 71 27.18 2.55 4.26
N LYS D 72 28.38 2.00 4.42
CA LYS D 72 29.59 2.71 4.01
C LYS D 72 29.54 2.89 2.49
N VAL D 73 29.21 1.83 1.76
CA VAL D 73 29.14 1.91 0.31
C VAL D 73 28.07 2.90 -0.13
N ILE D 74 26.96 2.94 0.60
CA ILE D 74 25.88 3.84 0.26
C ILE D 74 26.27 5.31 0.45
N LYS D 75 27.09 5.57 1.47
CA LYS D 75 27.54 6.93 1.72
C LYS D 75 28.55 7.29 0.65
N GLN D 76 29.54 6.41 0.48
CA GLN D 76 30.58 6.59 -0.52
C GLN D 76 30.06 6.96 -1.91
N TYR D 77 28.93 6.37 -2.30
CA TYR D 77 28.33 6.66 -3.60
C TYR D 77 27.23 7.68 -3.46
N LYS D 78 26.80 7.93 -2.22
CA LYS D 78 25.75 8.90 -1.98
C LYS D 78 24.50 8.51 -2.76
N LEU D 79 23.97 7.34 -2.43
CA LEU D 79 22.77 6.81 -3.05
C LEU D 79 21.56 7.26 -2.25
N SER D 80 20.39 7.27 -2.89
CA SER D 80 19.14 7.67 -2.24
C SER D 80 18.04 7.34 -3.22
N LYS D 81 16.79 7.57 -2.84
CA LYS D 81 15.69 7.26 -3.73
C LYS D 81 15.57 8.19 -4.94
N THR D 82 16.47 9.17 -5.04
CA THR D 82 16.45 10.08 -6.18
C THR D 82 17.81 10.27 -6.84
N SER D 83 18.80 9.51 -6.39
CA SER D 83 20.16 9.61 -6.93
C SER D 83 20.37 8.72 -8.17
N LYS D 84 19.69 9.04 -9.26
CA LYS D 84 19.79 8.26 -10.49
C LYS D 84 21.19 8.21 -11.11
N GLU D 85 21.90 9.33 -11.13
CA GLU D 85 23.24 9.36 -11.71
C GLU D 85 24.24 8.59 -10.84
N GLU D 86 24.04 8.59 -9.54
CA GLU D 86 24.95 7.85 -8.67
C GLU D 86 24.66 6.35 -8.80
N PHE D 87 23.41 6.03 -9.13
CA PHE D 87 23.02 4.64 -9.34
C PHE D 87 23.78 4.16 -10.57
N LEU D 88 23.69 4.93 -11.65
CA LEU D 88 24.36 4.59 -12.89
C LEU D 88 25.86 4.42 -12.67
N LYS D 89 26.41 5.21 -11.75
CA LYS D 89 27.84 5.13 -11.45
C LYS D 89 28.15 3.82 -10.72
N LEU D 90 27.34 3.49 -9.72
CA LEU D 90 27.58 2.24 -8.98
C LEU D 90 27.44 1.06 -9.93
N ARG D 91 26.47 1.13 -10.82
CA ARG D 91 26.24 0.04 -11.78
C ARG D 91 27.46 -0.13 -12.68
N GLU D 92 28.02 0.99 -13.13
CA GLU D 92 29.21 0.94 -13.98
C GLU D 92 30.38 0.33 -13.22
N ASP D 93 30.53 0.67 -11.94
CA ASP D 93 31.63 0.12 -11.16
C ASP D 93 31.46 -1.37 -10.96
N TYR D 94 30.23 -1.80 -10.68
CA TYR D 94 29.98 -3.22 -10.50
C TYR D 94 30.28 -3.96 -11.79
N ASN D 95 29.80 -3.43 -12.90
CA ASN D 95 30.01 -4.09 -14.19
C ASN D 95 31.48 -4.29 -14.56
N LYS D 96 32.33 -3.37 -14.13
CA LYS D 96 33.75 -3.49 -14.44
C LYS D 96 34.51 -4.35 -13.43
N THR D 97 34.18 -4.23 -12.15
CA THR D 97 34.86 -5.01 -11.10
C THR D 97 34.18 -6.33 -10.74
N ARG D 98 32.87 -6.40 -10.93
CA ARG D 98 32.10 -7.60 -10.61
C ARG D 98 32.21 -7.94 -9.11
N ASP D 99 32.44 -6.92 -8.29
CA ASP D 99 32.55 -7.14 -6.84
C ASP D 99 31.15 -7.40 -6.28
N PRO D 100 30.94 -8.58 -5.68
CA PRO D 100 29.65 -9.01 -5.09
C PRO D 100 29.01 -8.05 -4.10
N LEU D 101 29.81 -7.38 -3.27
CA LEU D 101 29.23 -6.45 -2.32
C LEU D 101 28.59 -5.28 -3.07
N LEU D 102 29.20 -4.86 -4.16
CA LEU D 102 28.63 -3.75 -4.93
C LEU D 102 27.31 -4.19 -5.56
N LEU D 103 27.22 -5.45 -5.95
CA LEU D 103 25.96 -5.96 -6.53
C LEU D 103 24.87 -5.93 -5.46
N TYR D 104 25.20 -6.42 -4.27
CA TYR D 104 24.25 -6.44 -3.17
C TYR D 104 23.70 -5.04 -2.92
N VAL D 105 24.59 -4.04 -2.84
CA VAL D 105 24.15 -2.68 -2.59
C VAL D 105 23.39 -2.13 -3.78
N LEU D 106 23.85 -2.47 -4.97
CA LEU D 106 23.21 -2.00 -6.18
C LEU D 106 21.78 -2.53 -6.34
N HIS D 107 21.53 -3.81 -6.01
CA HIS D 107 20.20 -4.36 -6.23
C HIS D 107 19.11 -3.68 -5.41
N PHE D 108 19.49 -3.08 -4.27
CA PHE D 108 18.51 -2.38 -3.44
C PHE D 108 17.99 -1.13 -4.17
N HIS D 109 18.76 -0.61 -5.12
CA HIS D 109 18.35 0.63 -5.82
C HIS D 109 17.69 0.40 -7.18
N GLY D 110 17.61 -0.84 -7.64
CA GLY D 110 17.00 -1.11 -8.92
C GLY D 110 15.53 -1.43 -8.85
N PHE D 111 14.85 -1.34 -9.99
CA PHE D 111 13.43 -1.64 -10.08
C PHE D 111 13.04 -2.94 -9.39
N SER D 112 12.18 -2.84 -8.38
CA SER D 112 11.71 -4.00 -7.63
C SER D 112 12.86 -4.85 -7.15
N ASN D 113 14.01 -4.22 -6.93
CA ASN D 113 15.19 -4.95 -6.46
C ASN D 113 15.55 -6.11 -7.38
N MET D 114 15.15 -6.04 -8.63
CA MET D 114 15.46 -7.11 -9.58
C MET D 114 16.93 -7.15 -9.94
N ILE D 115 17.48 -8.36 -10.06
CA ILE D 115 18.85 -8.56 -10.45
C ILE D 115 18.83 -9.15 -11.87
N ARG D 116 19.06 -8.31 -12.86
CA ARG D 116 19.06 -8.73 -14.26
C ARG D 116 20.47 -8.66 -14.84
N ILE D 117 21.05 -9.83 -15.09
CA ILE D 117 22.40 -9.97 -15.63
C ILE D 117 22.26 -10.28 -17.11
N ASN D 118 22.85 -9.47 -17.98
CA ASN D 118 22.69 -9.71 -19.41
C ASN D 118 23.64 -10.73 -20.03
N TYR D 119 23.61 -10.81 -21.35
CA TYR D 119 24.40 -11.75 -22.13
C TYR D 119 25.92 -11.72 -21.91
N LYS D 120 26.45 -10.66 -21.33
CA LYS D 120 27.89 -10.59 -21.09
C LYS D 120 28.23 -10.39 -19.60
N GLY D 121 27.26 -10.63 -18.74
CA GLY D 121 27.50 -10.50 -17.30
C GLY D 121 27.27 -9.14 -16.66
N ASN D 122 26.76 -8.17 -17.41
CA ASN D 122 26.50 -6.85 -16.86
C ASN D 122 25.12 -6.74 -16.22
N PHE D 123 25.04 -5.93 -15.17
CA PHE D 123 23.79 -5.66 -14.44
C PHE D 123 23.07 -4.58 -15.24
N THR D 124 21.83 -4.84 -15.65
CA THR D 124 21.09 -3.87 -16.46
C THR D 124 19.74 -3.42 -15.93
N THR D 125 19.45 -3.76 -14.68
CA THR D 125 18.19 -3.31 -14.11
C THR D 125 18.19 -1.78 -14.09
N PRO D 126 17.05 -1.15 -14.43
CA PRO D 126 16.87 0.31 -14.45
C PRO D 126 16.81 0.85 -13.03
N PHE D 127 17.14 2.13 -12.84
CA PHE D 127 17.06 2.72 -11.52
C PHE D 127 15.60 2.61 -11.05
N GLY D 128 15.42 2.28 -9.77
CA GLY D 128 14.07 2.13 -9.25
C GLY D 128 13.58 3.23 -8.33
N LYS D 129 14.29 4.35 -8.27
CA LYS D 129 13.85 5.45 -7.42
C LYS D 129 13.54 4.94 -6.02
N ARG D 130 14.46 4.16 -5.47
CA ARG D 130 14.31 3.58 -4.14
C ARG D 130 15.70 3.26 -3.59
N THR D 131 15.76 2.95 -2.30
CA THR D 131 17.01 2.61 -1.64
C THR D 131 16.70 1.62 -0.52
N ILE D 132 17.65 1.36 0.38
CA ILE D 132 17.38 0.41 1.45
C ILE D 132 16.25 0.88 2.35
N ASN D 133 15.56 -0.07 2.95
CA ASN D 133 14.47 0.24 3.87
C ASN D 133 14.44 -0.83 4.95
N LYS D 134 13.46 -0.78 5.84
CA LYS D 134 13.36 -1.73 6.93
C LYS D 134 13.35 -3.19 6.46
N ASN D 135 12.74 -3.44 5.31
CA ASN D 135 12.71 -4.80 4.79
C ASN D 135 14.11 -5.24 4.42
N SER D 136 14.89 -4.30 3.88
CA SER D 136 16.27 -4.58 3.50
C SER D 136 16.98 -5.12 4.74
N GLU D 137 16.83 -4.39 5.84
CA GLU D 137 17.45 -4.76 7.10
C GLU D 137 16.96 -6.11 7.59
N LYS D 138 15.64 -6.29 7.61
CA LYS D 138 15.06 -7.55 8.07
C LYS D 138 15.63 -8.76 7.32
N ARG D 139 15.66 -8.69 5.98
CA ARG D 139 16.17 -9.81 5.19
C ARG D 139 17.64 -10.04 5.47
N PHE D 140 18.42 -8.96 5.54
CA PHE D 140 19.84 -9.08 5.85
C PHE D 140 20.04 -9.78 7.19
N ASN D 141 19.37 -9.30 8.22
CA ASN D 141 19.47 -9.90 9.56
C ASN D 141 19.06 -11.36 9.50
N HIS D 142 18.04 -11.66 8.73
CA HIS D 142 17.58 -13.03 8.64
C HIS D 142 18.63 -13.90 7.96
N PHE D 143 19.30 -13.37 6.94
CA PHE D 143 20.31 -14.15 6.25
C PHE D 143 21.47 -14.47 7.21
N LYS D 144 22.01 -13.45 7.87
CA LYS D 144 23.11 -13.61 8.80
C LYS D 144 22.80 -14.62 9.92
N GLN D 145 21.58 -14.56 10.44
CA GLN D 145 21.17 -15.46 11.52
C GLN D 145 20.91 -16.89 11.06
N ASN D 146 20.90 -17.13 9.75
CA ASN D 146 20.64 -18.47 9.26
C ASN D 146 21.57 -19.01 8.17
N CYS D 147 22.64 -18.29 7.86
CA CYS D 147 23.55 -18.73 6.80
C CYS D 147 24.54 -19.82 7.21
N ASP D 148 24.75 -19.98 8.52
CA ASP D 148 25.70 -20.96 9.06
C ASP D 148 25.51 -22.40 8.59
N LYS D 149 24.27 -22.83 8.42
CA LYS D 149 23.96 -24.20 8.00
C LYS D 149 24.03 -24.40 6.48
N ILE D 150 24.29 -23.33 5.76
CA ILE D 150 24.26 -23.45 4.30
C ILE D 150 25.63 -23.49 3.64
N ILE D 151 25.70 -24.38 2.69
CA ILE D 151 26.87 -24.47 1.82
C ILE D 151 26.38 -24.04 0.46
N PHE D 152 26.98 -23.00 -0.14
CA PHE D 152 26.47 -22.54 -1.45
C PHE D 152 27.10 -23.22 -2.65
N SER D 153 26.37 -23.23 -3.76
CA SER D 153 26.83 -23.83 -5.01
C SER D 153 26.23 -23.09 -6.21
N SER D 154 27.04 -22.89 -7.25
CA SER D 154 26.57 -22.22 -8.45
C SER D 154 26.82 -23.14 -9.64
N LEU D 155 25.97 -24.14 -9.79
CA LEU D 155 26.10 -25.11 -10.88
C LEU D 155 24.76 -25.39 -11.56
N HIS D 156 24.88 -25.86 -12.79
CA HIS D 156 23.69 -26.28 -13.51
C HIS D 156 23.13 -27.42 -12.68
N PHE D 157 21.81 -27.55 -12.54
CA PHE D 157 21.29 -28.63 -11.69
C PHE D 157 21.79 -30.04 -12.00
N LYS D 158 21.94 -30.38 -13.29
CA LYS D 158 22.40 -31.71 -13.63
C LYS D 158 23.85 -31.98 -13.22
N ASP D 159 24.54 -30.96 -12.72
CA ASP D 159 25.92 -31.14 -12.29
C ASP D 159 26.06 -31.34 -10.80
N VAL D 160 25.01 -31.02 -10.04
CA VAL D 160 25.11 -31.18 -8.60
C VAL D 160 25.15 -32.64 -8.18
N LYS D 161 26.04 -32.95 -7.23
CA LYS D 161 26.17 -34.31 -6.73
C LYS D 161 25.24 -34.60 -5.57
N ILE D 162 24.19 -35.36 -5.84
CA ILE D 162 23.21 -35.70 -4.82
C ILE D 162 23.63 -36.97 -4.10
N LEU D 163 23.46 -36.99 -2.78
CA LEU D 163 23.87 -38.15 -1.98
C LEU D 163 22.72 -38.88 -1.31
N ASP D 164 23.04 -40.04 -0.73
CA ASP D 164 22.06 -40.84 -0.02
C ASP D 164 21.67 -40.08 1.24
N GLY D 165 20.40 -40.14 1.61
CA GLY D 165 19.94 -39.43 2.79
C GLY D 165 19.57 -37.99 2.51
N ASP D 166 19.72 -37.58 1.25
CA ASP D 166 19.39 -36.21 0.84
C ASP D 166 17.90 -36.04 0.53
N PHE D 167 17.41 -34.81 0.74
CA PHE D 167 16.06 -34.49 0.32
C PHE D 167 16.22 -33.41 -0.75
N VAL D 168 15.87 -33.71 -1.96
CA VAL D 168 16.07 -32.73 -2.99
C VAL D 168 14.83 -31.92 -3.33
N TYR D 169 14.80 -30.67 -2.85
CA TYR D 169 13.68 -29.79 -3.14
C TYR D 169 14.02 -29.03 -4.41
N VAL D 170 13.08 -29.00 -5.35
CA VAL D 170 13.31 -28.30 -6.60
C VAL D 170 12.18 -27.36 -7.00
N ASP D 171 12.55 -26.11 -7.21
CA ASP D 171 11.60 -25.07 -7.61
C ASP D 171 12.21 -24.35 -8.81
N PRO D 172 12.22 -25.03 -9.96
CA PRO D 172 12.78 -24.47 -11.19
C PRO D 172 11.91 -23.41 -11.86
N PRO D 173 12.41 -22.83 -12.95
CA PRO D 173 11.63 -21.81 -13.66
C PRO D 173 10.39 -22.52 -14.20
N TYR D 174 9.24 -21.86 -14.18
CA TYR D 174 8.02 -22.45 -14.69
C TYR D 174 7.81 -22.05 -16.13
N LEU D 175 7.74 -23.01 -17.04
CA LEU D 175 7.52 -22.71 -18.46
C LEU D 175 6.36 -21.78 -18.67
N ILE D 176 5.21 -22.09 -18.09
CA ILE D 176 3.96 -21.34 -18.21
C ILE D 176 3.98 -19.89 -17.67
N THR D 177 4.79 -19.58 -16.68
CA THR D 177 4.81 -18.23 -16.15
C THR D 177 5.93 -17.36 -16.71
N VAL D 178 5.97 -16.10 -16.30
CA VAL D 178 6.99 -15.18 -16.78
C VAL D 178 7.95 -14.71 -15.70
N ALA D 179 9.24 -14.94 -15.95
CA ALA D 179 10.30 -14.54 -15.04
C ALA D 179 11.55 -14.30 -15.87
N ASP D 180 12.38 -13.38 -15.44
CA ASP D 180 13.59 -13.09 -16.19
C ASP D 180 14.53 -14.29 -16.24
N TYR D 181 14.53 -15.12 -15.21
CA TYR D 181 15.40 -16.28 -15.21
C TYR D 181 14.89 -17.42 -16.12
N ASN D 182 13.82 -17.17 -16.87
CA ASN D 182 13.32 -18.21 -17.77
C ASN D 182 14.29 -18.39 -18.94
N LYS D 183 15.11 -17.37 -19.20
CA LYS D 183 16.09 -17.43 -20.27
C LYS D 183 17.04 -18.60 -20.04
N PHE D 184 16.89 -19.27 -18.91
CA PHE D 184 17.74 -20.41 -18.59
C PHE D 184 16.96 -21.71 -18.79
N TRP D 185 15.65 -21.60 -18.95
CA TRP D 185 14.82 -22.78 -19.10
C TRP D 185 14.35 -23.04 -20.54
N SER D 186 13.79 -24.22 -20.75
CA SER D 186 13.27 -24.66 -22.05
C SER D 186 12.71 -26.07 -21.90
N GLU D 187 11.97 -26.52 -22.90
CA GLU D 187 11.36 -27.84 -22.88
C GLU D 187 12.40 -28.93 -22.61
N ASP D 188 13.56 -28.79 -23.26
CA ASP D 188 14.63 -29.76 -23.10
C ASP D 188 15.18 -29.78 -21.68
N GLU D 189 15.40 -28.59 -21.12
CA GLU D 189 15.92 -28.50 -19.76
C GLU D 189 14.95 -29.17 -18.79
N GLU D 190 13.66 -28.92 -18.98
CA GLU D 190 12.65 -29.51 -18.12
C GLU D 190 12.62 -31.03 -18.29
N LYS D 191 12.78 -31.50 -19.52
CA LYS D 191 12.79 -32.92 -19.82
C LYS D 191 13.85 -33.61 -18.97
N ASP D 192 15.06 -33.08 -18.98
CA ASP D 192 16.17 -33.65 -18.20
C ASP D 192 15.97 -33.56 -16.70
N LEU D 193 15.22 -32.54 -16.24
CA LEU D 193 14.98 -32.40 -14.81
C LEU D 193 14.10 -33.56 -14.38
N LEU D 194 13.03 -33.81 -15.13
CA LEU D 194 12.12 -34.90 -14.81
C LEU D 194 12.83 -36.26 -14.85
N ASN D 195 13.81 -36.40 -15.74
CA ASN D 195 14.56 -37.65 -15.86
C ASN D 195 15.46 -37.84 -14.64
N LEU D 196 16.03 -36.75 -14.15
CA LEU D 196 16.92 -36.81 -12.99
C LEU D 196 16.15 -37.17 -11.72
N LEU D 197 14.96 -36.59 -11.56
CA LEU D 197 14.15 -36.88 -10.38
C LEU D 197 13.79 -38.36 -10.37
N ASP D 198 13.55 -38.93 -11.55
CA ASP D 198 13.22 -40.34 -11.66
C ASP D 198 14.43 -41.17 -11.23
N SER D 199 15.63 -40.69 -11.55
CA SER D 199 16.84 -41.39 -11.18
C SER D 199 16.98 -41.35 -9.67
N LEU D 200 16.62 -40.21 -9.08
CA LEU D 200 16.69 -40.03 -7.64
C LEU D 200 15.73 -41.02 -6.98
N ASN D 201 14.64 -41.31 -7.67
CA ASN D 201 13.66 -42.24 -7.15
C ASN D 201 14.23 -43.65 -7.26
N ASP D 202 14.77 -44.00 -8.42
CA ASP D 202 15.36 -45.32 -8.62
C ASP D 202 16.43 -45.60 -7.57
N ARG D 203 17.06 -44.53 -7.07
CA ARG D 203 18.11 -44.67 -6.06
C ARG D 203 17.56 -44.61 -4.65
N GLY D 204 16.25 -44.37 -4.54
CA GLY D 204 15.64 -44.30 -3.22
C GLY D 204 15.97 -42.97 -2.55
N ILE D 205 15.79 -41.89 -3.29
CA ILE D 205 16.06 -40.56 -2.77
C ILE D 205 14.79 -39.73 -2.85
N LYS D 206 14.47 -39.05 -1.75
CA LYS D 206 13.27 -38.22 -1.66
C LYS D 206 13.43 -36.86 -2.33
N PHE D 207 12.43 -36.46 -3.11
CA PHE D 207 12.44 -35.17 -3.78
C PHE D 207 11.05 -34.55 -3.70
N GLY D 208 11.00 -33.24 -3.95
CA GLY D 208 9.75 -32.51 -3.93
C GLY D 208 9.82 -31.44 -5.01
N LEU D 209 8.88 -31.49 -5.95
CA LEU D 209 8.87 -30.54 -7.06
C LEU D 209 7.74 -29.54 -6.94
N SER D 210 8.09 -28.26 -6.88
CA SER D 210 7.07 -27.22 -6.86
C SER D 210 6.87 -26.79 -8.30
N ASN D 211 5.64 -26.48 -8.72
CA ASN D 211 5.45 -26.09 -10.11
C ASN D 211 4.03 -25.68 -10.44
N VAL D 212 3.80 -25.45 -11.73
CA VAL D 212 2.50 -25.03 -12.21
C VAL D 212 2.07 -25.91 -13.39
N LEU D 213 0.93 -26.57 -13.23
CA LEU D 213 0.39 -27.43 -14.27
C LEU D 213 -0.54 -26.64 -15.20
N GLU D 214 -1.10 -25.55 -14.68
CA GLU D 214 -2.01 -24.71 -15.42
C GLU D 214 -1.92 -23.26 -14.96
N HIS D 215 -1.82 -22.38 -15.92
CA HIS D 215 -1.64 -20.97 -15.69
C HIS D 215 -1.95 -20.15 -16.97
N HIS D 216 -2.88 -19.20 -16.87
CA HIS D 216 -3.31 -18.26 -17.94
C HIS D 216 -3.72 -18.95 -19.25
N GLY D 217 -4.57 -19.97 -19.14
CA GLY D 217 -4.96 -20.67 -20.33
C GLY D 217 -3.96 -21.79 -20.64
N LYS D 218 -2.68 -21.42 -20.74
CA LYS D 218 -1.65 -22.40 -21.03
C LYS D 218 -1.63 -23.55 -20.05
N GLU D 219 -1.17 -24.71 -20.50
CA GLU D 219 -1.10 -25.87 -19.65
C GLU D 219 0.19 -26.67 -19.93
N ASN D 220 0.79 -27.23 -18.89
CA ASN D 220 1.98 -28.06 -18.99
C ASN D 220 1.48 -29.48 -18.92
N THR D 221 1.59 -30.27 -19.94
CA THR D 221 0.94 -31.55 -19.85
C THR D 221 1.85 -32.75 -19.60
N LEU D 222 3.10 -32.73 -20.10
CA LEU D 222 3.97 -33.91 -19.82
C LEU D 222 4.27 -33.93 -18.32
N LEU D 223 4.04 -32.80 -17.70
CA LEU D 223 4.24 -32.65 -16.29
C LEU D 223 3.00 -33.17 -15.58
N LYS D 224 1.84 -32.94 -16.18
CA LYS D 224 0.59 -33.43 -15.63
C LYS D 224 0.67 -34.95 -15.59
N GLU D 225 1.04 -35.53 -16.73
CA GLU D 225 1.15 -36.97 -16.83
C GLU D 225 2.24 -37.53 -15.93
N TRP D 226 3.42 -36.93 -16.01
CA TRP D 226 4.55 -37.35 -15.21
C TRP D 226 4.19 -37.26 -13.73
N SER D 227 3.23 -36.39 -13.42
CA SER D 227 2.77 -36.18 -12.05
C SER D 227 2.01 -37.39 -11.50
N LYS D 228 1.17 -37.98 -12.33
CA LYS D 228 0.38 -39.14 -11.93
C LYS D 228 1.22 -40.20 -11.21
N LYS D 229 2.50 -40.30 -11.58
CA LYS D 229 3.39 -41.28 -10.95
C LYS D 229 3.54 -41.09 -9.45
N TYR D 230 3.61 -39.84 -9.01
CA TYR D 230 3.82 -39.57 -7.59
C TYR D 230 2.68 -38.88 -6.87
N ASN D 231 2.98 -38.39 -5.67
CA ASN D 231 2.02 -37.68 -4.87
C ASN D 231 1.89 -36.27 -5.37
N VAL D 232 0.67 -35.76 -5.32
CA VAL D 232 0.41 -34.40 -5.71
C VAL D 232 -0.55 -33.76 -4.73
N LYS D 233 -0.25 -32.50 -4.45
CA LYS D 233 -1.02 -31.62 -3.61
C LYS D 233 -1.27 -30.32 -4.39
N HIS D 234 -2.48 -29.84 -4.37
CA HIS D 234 -2.84 -28.57 -5.02
C HIS D 234 -2.86 -27.51 -3.94
N LEU D 235 -2.19 -26.37 -4.12
CA LEU D 235 -2.17 -25.35 -3.12
C LEU D 235 -2.88 -24.07 -3.57
N ASN D 236 -3.50 -24.12 -4.74
CA ASN D 236 -4.20 -22.96 -5.28
C ASN D 236 -5.31 -22.44 -4.38
N LYS D 237 -4.99 -21.42 -3.59
CA LYS D 237 -5.96 -20.82 -2.68
C LYS D 237 -5.83 -19.29 -2.71
N LYS D 238 -5.83 -18.66 -1.53
CA LYS D 238 -5.72 -17.21 -1.44
C LYS D 238 -4.98 -16.79 -0.18
N LYS D 249 -4.63 -14.28 -6.97
CA LYS D 249 -4.46 -15.67 -7.37
C LYS D 249 -5.74 -16.26 -7.96
N ASN D 250 -5.66 -16.70 -9.21
CA ASN D 250 -6.82 -17.27 -9.89
C ASN D 250 -6.50 -18.54 -10.69
N GLY D 251 -6.83 -18.50 -11.98
CA GLY D 251 -6.63 -19.61 -12.91
C GLY D 251 -5.37 -20.46 -12.73
N THR D 252 -4.41 -19.97 -11.95
CA THR D 252 -3.18 -20.72 -11.73
C THR D 252 -3.42 -21.92 -10.81
N ASP D 253 -2.75 -23.02 -11.10
CA ASP D 253 -2.87 -24.24 -10.30
C ASP D 253 -1.53 -24.66 -9.71
N GLU D 254 -1.13 -23.98 -8.65
CA GLU D 254 0.14 -24.26 -7.98
C GLU D 254 0.14 -25.66 -7.40
N VAL D 255 1.19 -26.44 -7.73
CA VAL D 255 1.22 -27.84 -7.29
C VAL D 255 2.54 -28.17 -6.61
N TYR D 256 2.53 -29.33 -5.92
CA TYR D 256 3.70 -29.86 -5.24
C TYR D 256 3.73 -31.36 -5.47
N ILE D 257 4.70 -31.81 -6.26
CA ILE D 257 4.82 -33.21 -6.62
C ILE D 257 5.98 -33.87 -5.88
N PHE D 258 5.67 -34.82 -5.01
CA PHE D 258 6.71 -35.50 -4.25
C PHE D 258 6.63 -37.02 -4.28
N ASN D 259 7.74 -37.66 -3.90
CA ASN D 259 7.83 -39.11 -3.86
C ASN D 259 7.97 -39.58 -2.41
#